data_8EQS
#
_entry.id   8EQS
#
loop_
_entity.id
_entity.type
_entity.pdbx_description
1 polymer 'ORF3a protein'
2 polymer 'Apolipoprotein A-I'
3 non-polymer 1,2-dioleoyl-sn-glycero-3-phosphoethanolamine
#
loop_
_entity_poly.entity_id
_entity_poly.type
_entity_poly.pdbx_seq_one_letter_code
_entity_poly.pdbx_strand_id
1 'polypeptide(L)'
;MDLFMRFFTLGSITAQPVKIDNASPASTVHATATIPLQASLPFGWLVIGVAFLAVFQSATKIIALNKRWQLALYKGFQFI
CNLLLLFVTIYSHLLLVAAGMEAQFLYLYALIYFLQCINACRIIMRCWLCWKCKSKNPLLYDANYFVCWHTHNYDYCIPY
NSVTDTIVVTEGDGISTPKLKEDYQIGGYSEDRHSGVKDYVVVHGYFTEVYYQLESTQITTDTGIENATFFIFNKLVKDP
PNVQIHTIDGSSGVANPAMDPIYDEPTTTTSVPLGGRGLEVLFQGPGSGQLVGSGGLEGGGGWSHPQFEKGGGSGGGSGG
GSWSHPQFEK
;
A,B
2 'polypeptide(L)'
;GHHHHHHHDYDIPTTENLYFQGSTFSKLREQLGPVTQEFWDNLEKETEGLRQEMSKDLEEVKAKVQPYLDDFQKKWQEEM
ELYRQKVEPLRAELQEGARQKLHELQEKLSPLGEEMRDRARAHVDALRTHLAPYSDELRQRLAARLEALKENGGARLAEY
HAKATEHLSTLSEKAKPALEDLRQGLLPVLESFKVSFLSALEEYTKKLNTQ
;
C,D
#
# COMPACT_ATOMS: atom_id res chain seq x y z
N SER A 40 5.72 38.73 -15.55
CA SER A 40 6.37 37.84 -16.50
C SER A 40 6.93 36.62 -15.81
N LEU A 41 6.25 35.48 -15.97
CA LEU A 41 6.69 34.23 -15.35
C LEU A 41 7.43 33.41 -16.39
N PRO A 42 8.73 33.16 -16.23
CA PRO A 42 9.47 32.38 -17.22
C PRO A 42 9.00 30.94 -17.30
N PHE A 43 9.09 30.37 -18.50
CA PHE A 43 8.64 29.02 -18.74
C PHE A 43 9.63 27.95 -18.27
N GLY A 44 10.87 28.34 -17.97
CA GLY A 44 11.86 27.36 -17.55
C GLY A 44 11.55 26.71 -16.22
N TRP A 45 10.95 27.47 -15.30
CA TRP A 45 10.64 26.93 -13.98
C TRP A 45 9.65 25.78 -14.09
N LEU A 46 8.71 25.88 -15.04
CA LEU A 46 7.78 24.77 -15.25
C LEU A 46 8.50 23.50 -15.66
N VAL A 47 9.47 23.62 -16.58
CA VAL A 47 10.23 22.45 -17.01
C VAL A 47 11.05 21.89 -15.85
N ILE A 48 11.65 22.77 -15.04
CA ILE A 48 12.43 22.30 -13.90
C ILE A 48 11.55 21.54 -12.91
N GLY A 49 10.38 22.10 -12.61
CA GLY A 49 9.46 21.41 -11.73
C GLY A 49 8.98 20.09 -12.30
N VAL A 50 8.75 20.04 -13.60
CA VAL A 50 8.36 18.79 -14.24
C VAL A 50 9.44 17.74 -14.06
N ALA A 51 10.70 18.13 -14.31
CA ALA A 51 11.79 17.17 -14.18
C ALA A 51 11.91 16.66 -12.75
N PHE A 52 11.83 17.57 -11.78
CA PHE A 52 11.97 17.14 -10.39
C PHE A 52 10.81 16.27 -9.95
N LEU A 53 9.58 16.60 -10.39
CA LEU A 53 8.42 15.78 -10.07
C LEU A 53 8.54 14.39 -10.69
N ALA A 54 9.08 14.31 -11.90
CA ALA A 54 9.32 13.02 -12.51
C ALA A 54 10.33 12.22 -11.70
N VAL A 55 11.40 12.88 -11.24
CA VAL A 55 12.38 12.21 -10.39
C VAL A 55 11.71 11.62 -9.17
N PHE A 56 10.82 12.40 -8.53
CA PHE A 56 10.25 11.94 -7.27
C PHE A 56 9.17 10.88 -7.45
N GLN A 57 8.32 10.98 -8.48
CA GLN A 57 7.49 9.83 -8.86
C GLN A 57 8.33 8.59 -9.09
N SER A 58 9.42 8.71 -9.85
CA SER A 58 10.24 7.55 -10.13
C SER A 58 10.86 6.97 -8.87
N ALA A 59 11.21 7.82 -7.92
CA ALA A 59 11.76 7.33 -6.65
C ALA A 59 10.70 6.62 -5.83
N THR A 60 9.52 7.22 -5.68
CA THR A 60 8.48 6.61 -4.85
C THR A 60 7.91 5.35 -5.47
N LYS A 61 7.98 5.19 -6.79
CA LYS A 61 7.38 4.04 -7.43
C LYS A 61 8.25 2.79 -7.38
N ILE A 62 9.43 2.86 -6.77
CA ILE A 62 10.34 1.73 -6.71
C ILE A 62 10.82 1.42 -5.30
N ILE A 63 10.47 2.23 -4.31
CA ILE A 63 10.98 2.03 -2.96
C ILE A 63 10.36 0.78 -2.36
N ALA A 64 11.19 -0.13 -1.87
CA ALA A 64 10.72 -1.35 -1.25
C ALA A 64 10.22 -1.07 0.15
N LEU A 65 9.04 -1.59 0.48
CA LEU A 65 8.42 -1.35 1.78
C LEU A 65 8.66 -2.54 2.72
N ASN A 66 9.93 -2.77 3.04
CA ASN A 66 10.32 -3.87 3.91
C ASN A 66 10.58 -3.41 5.34
N LYS A 67 11.51 -2.47 5.52
CA LYS A 67 11.88 -1.99 6.84
C LYS A 67 11.12 -0.73 7.19
N ARG A 68 11.19 -0.36 8.46
CA ARG A 68 10.44 0.81 8.94
C ARG A 68 11.00 2.11 8.39
N TRP A 69 12.34 2.19 8.26
CA TRP A 69 12.94 3.45 7.81
C TRP A 69 12.54 3.77 6.38
N GLN A 70 12.41 2.76 5.54
CA GLN A 70 12.00 2.99 4.15
C GLN A 70 10.62 3.62 4.10
N LEU A 71 9.69 3.13 4.92
CA LEU A 71 8.31 3.64 4.91
C LEU A 71 8.29 5.15 5.07
N ALA A 72 8.97 5.64 6.11
CA ALA A 72 9.09 7.09 6.29
C ALA A 72 9.66 7.72 5.04
N LEU A 73 10.77 7.18 4.53
CA LEU A 73 11.31 7.64 3.26
C LEU A 73 10.25 7.57 2.19
N TYR A 74 9.59 6.41 2.07
CA TYR A 74 8.54 6.26 1.09
C TYR A 74 7.44 7.30 1.29
N LYS A 75 7.13 7.63 2.54
CA LYS A 75 6.21 8.72 2.79
C LYS A 75 6.88 10.06 2.50
N GLY A 76 8.10 10.25 2.99
CA GLY A 76 8.73 11.55 2.90
C GLY A 76 8.87 12.02 1.47
N PHE A 77 9.37 11.14 0.60
CA PHE A 77 9.45 11.46 -0.82
C PHE A 77 8.10 11.90 -1.35
N GLN A 78 7.05 11.12 -1.04
CA GLN A 78 5.70 11.50 -1.46
C GLN A 78 5.37 12.91 -1.00
N PHE A 79 5.68 13.22 0.26
CA PHE A 79 5.45 14.57 0.76
C PHE A 79 6.13 15.58 -0.14
N ILE A 80 7.42 15.38 -0.42
CA ILE A 80 8.11 16.29 -1.32
C ILE A 80 7.41 16.32 -2.66
N CYS A 81 7.08 15.13 -3.18
CA CYS A 81 6.35 15.06 -4.44
C CYS A 81 5.08 15.90 -4.39
N ASN A 82 4.33 15.79 -3.29
CA ASN A 82 3.09 16.55 -3.21
C ASN A 82 3.37 18.03 -3.37
N LEU A 83 4.39 18.54 -2.66
CA LEU A 83 4.76 19.93 -2.83
C LEU A 83 5.10 20.22 -4.28
N LEU A 84 5.90 19.36 -4.90
CA LEU A 84 6.21 19.52 -6.31
C LEU A 84 4.94 19.46 -7.14
N LEU A 85 4.04 18.53 -6.82
CA LEU A 85 2.78 18.44 -7.54
C LEU A 85 2.01 19.74 -7.43
N LEU A 86 2.11 20.41 -6.27
CA LEU A 86 1.51 21.73 -6.15
C LEU A 86 2.30 22.75 -6.97
N PHE A 87 3.63 22.73 -6.85
CA PHE A 87 4.44 23.75 -7.49
C PHE A 87 4.29 23.73 -9.00
N VAL A 88 4.25 22.53 -9.59
CA VAL A 88 4.10 22.43 -11.03
C VAL A 88 2.69 22.80 -11.46
N THR A 89 1.71 22.73 -10.56
CA THR A 89 0.33 22.99 -10.94
C THR A 89 0.02 24.48 -10.97
N ILE A 90 0.11 25.15 -9.82
CA ILE A 90 -0.25 26.57 -9.75
C ILE A 90 0.59 27.38 -10.71
N TYR A 91 1.90 27.10 -10.78
CA TYR A 91 2.74 27.81 -11.73
C TYR A 91 2.20 27.66 -13.14
N SER A 92 1.84 26.43 -13.53
CA SER A 92 1.21 26.24 -14.83
C SER A 92 -0.07 27.04 -14.92
N HIS A 93 -0.88 27.02 -13.85
CA HIS A 93 -2.06 27.88 -13.81
C HIS A 93 -1.66 29.35 -13.94
N LEU A 94 -0.60 29.76 -13.24
CA LEU A 94 -0.12 31.13 -13.37
C LEU A 94 0.32 31.43 -14.79
N LEU A 95 0.70 30.42 -15.57
CA LEU A 95 0.99 30.66 -16.97
C LEU A 95 -0.29 30.87 -17.76
N LEU A 96 -1.33 30.07 -17.48
CA LEU A 96 -2.56 30.14 -18.27
C LEU A 96 -3.22 31.50 -18.13
N VAL A 97 -3.24 32.05 -16.92
CA VAL A 97 -3.75 33.41 -16.74
C VAL A 97 -2.82 34.41 -17.42
N ALA A 98 -1.51 34.13 -17.41
CA ALA A 98 -0.55 35.01 -18.07
C ALA A 98 -0.80 35.04 -19.57
N ALA A 99 -1.08 33.88 -20.16
CA ALA A 99 -1.34 33.79 -21.59
C ALA A 99 -2.80 34.02 -21.95
N GLY A 100 -3.68 34.13 -20.95
CA GLY A 100 -5.09 34.35 -21.22
C GLY A 100 -5.83 33.10 -21.63
N MET A 101 -5.15 31.96 -21.61
CA MET A 101 -5.76 30.67 -21.93
C MET A 101 -6.28 29.95 -20.70
N GLU A 102 -6.69 30.69 -19.68
CA GLU A 102 -7.20 30.12 -18.44
C GLU A 102 -8.70 29.86 -18.48
N ALA A 103 -9.44 30.60 -19.30
CA ALA A 103 -10.88 30.45 -19.37
C ALA A 103 -11.26 29.11 -19.98
N GLN A 104 -10.33 28.49 -20.72
CA GLN A 104 -10.59 27.20 -21.32
C GLN A 104 -10.64 26.07 -20.30
N PHE A 105 -9.69 26.00 -19.37
CA PHE A 105 -9.58 24.86 -18.46
C PHE A 105 -9.66 25.28 -16.99
N LEU A 106 -10.51 26.25 -16.66
CA LEU A 106 -10.69 26.61 -15.26
C LEU A 106 -11.34 25.48 -14.47
N TYR A 107 -12.26 24.76 -15.11
CA TYR A 107 -12.92 23.64 -14.45
C TYR A 107 -11.92 22.55 -14.08
N LEU A 108 -10.98 22.27 -14.99
CA LEU A 108 -10.01 21.21 -14.74
C LEU A 108 -9.11 21.55 -13.57
N TYR A 109 -8.60 22.78 -13.52
CA TYR A 109 -7.77 23.20 -12.39
C TYR A 109 -8.59 23.27 -11.10
N ALA A 110 -9.86 23.65 -11.19
CA ALA A 110 -10.72 23.62 -10.01
C ALA A 110 -10.86 22.20 -9.48
N LEU A 111 -11.01 21.24 -10.38
CA LEU A 111 -11.04 19.83 -9.96
C LEU A 111 -9.73 19.42 -9.30
N ILE A 112 -8.61 19.87 -9.88
CA ILE A 112 -7.31 19.54 -9.29
C ILE A 112 -7.21 20.07 -7.87
N TYR A 113 -7.62 21.34 -7.68
CA TYR A 113 -7.55 21.94 -6.36
C TYR A 113 -8.50 21.27 -5.38
N PHE A 114 -9.69 20.88 -5.86
CA PHE A 114 -10.64 20.19 -5.00
C PHE A 114 -10.08 18.84 -4.54
N LEU A 115 -9.46 18.10 -5.46
CA LEU A 115 -8.87 16.82 -5.09
C LEU A 115 -7.67 17.01 -4.16
N GLN A 116 -6.89 18.07 -4.37
CA GLN A 116 -5.81 18.37 -3.44
C GLN A 116 -6.35 18.69 -2.05
N CYS A 117 -7.46 19.41 -1.98
CA CYS A 117 -8.09 19.67 -0.68
C CYS A 117 -8.54 18.37 -0.03
N ILE A 118 -9.11 17.46 -0.81
CA ILE A 118 -9.52 16.16 -0.26
C ILE A 118 -8.31 15.40 0.26
N ASN A 119 -7.21 15.40 -0.49
CA ASN A 119 -6.01 14.71 -0.05
C ASN A 119 -5.44 15.33 1.22
N ALA A 120 -5.47 16.67 1.30
CA ALA A 120 -5.01 17.34 2.52
C ALA A 120 -5.87 16.99 3.71
N CYS A 121 -7.20 16.94 3.51
CA CYS A 121 -8.08 16.51 4.58
C CYS A 121 -7.80 15.08 4.99
N ARG A 122 -7.48 14.22 4.02
CA ARG A 122 -7.12 12.84 4.34
C ARG A 122 -5.85 12.80 5.19
N ILE A 123 -4.86 13.62 4.87
CA ILE A 123 -3.64 13.67 5.65
C ILE A 123 -3.93 14.19 7.06
N ILE A 124 -4.83 15.16 7.19
CA ILE A 124 -5.20 15.66 8.51
C ILE A 124 -5.89 14.56 9.31
N MET A 125 -6.75 13.78 8.67
CA MET A 125 -7.38 12.64 9.36
C MET A 125 -6.34 11.63 9.79
N ARG A 126 -5.34 11.38 8.95
CA ARG A 126 -4.26 10.46 9.33
C ARG A 126 -3.50 10.99 10.54
N CYS A 127 -3.23 12.30 10.57
CA CYS A 127 -2.56 12.88 11.73
C CYS A 127 -3.42 12.78 12.98
N TRP A 128 -4.73 12.99 12.83
CA TRP A 128 -5.64 12.82 13.95
C TRP A 128 -5.63 11.38 14.45
N LEU A 129 -5.56 10.42 13.53
CA LEU A 129 -5.51 9.02 13.92
C LEU A 129 -4.22 8.70 14.66
N CYS A 130 -3.08 9.17 14.16
CA CYS A 130 -1.82 8.84 14.81
C CYS A 130 -1.70 9.53 16.16
N TRP A 131 -2.28 10.72 16.30
CA TRP A 131 -2.41 11.33 17.63
C TRP A 131 -3.31 10.47 18.51
N LYS A 132 -4.40 9.95 17.94
CA LYS A 132 -5.34 9.13 18.69
C LYS A 132 -4.77 7.75 19.00
N CYS A 133 -3.98 7.18 18.09
CA CYS A 133 -3.43 5.84 18.32
C CYS A 133 -2.12 5.88 19.08
N LYS A 134 -1.62 7.08 19.41
CA LYS A 134 -0.39 7.26 20.20
C LYS A 134 0.84 6.65 19.51
N SER A 135 0.85 6.61 18.18
CA SER A 135 2.00 6.05 17.48
C SER A 135 2.13 6.70 16.11
N LYS A 136 3.32 6.60 15.54
CA LYS A 136 3.60 7.15 14.22
C LYS A 136 3.25 6.18 13.09
N ASN A 137 2.77 4.98 13.43
CA ASN A 137 2.43 4.01 12.39
C ASN A 137 1.39 4.49 11.39
N PRO A 138 0.30 5.16 11.78
CA PRO A 138 -0.70 5.58 10.78
C PRO A 138 -0.13 6.47 9.69
N LEU A 139 0.84 7.33 10.02
CA LEU A 139 1.45 8.15 8.98
C LEU A 139 2.38 7.33 8.08
N LEU A 140 2.94 6.24 8.61
CA LEU A 140 3.87 5.44 7.83
C LEU A 140 3.15 4.44 6.94
N TYR A 141 2.34 3.57 7.52
CA TYR A 141 1.66 2.53 6.77
C TYR A 141 0.45 3.09 6.03
N ASP A 142 0.09 2.43 4.94
CA ASP A 142 -1.01 2.86 4.10
C ASP A 142 -2.25 1.99 4.24
N ALA A 143 -2.33 1.17 5.28
CA ALA A 143 -3.45 0.27 5.43
C ALA A 143 -4.73 1.03 5.76
N ASN A 144 -5.86 0.40 5.46
CA ASN A 144 -7.16 1.05 5.68
C ASN A 144 -7.45 1.22 7.16
N TYR A 145 -7.21 0.20 7.97
CA TYR A 145 -7.51 0.24 9.39
C TYR A 145 -6.25 -0.05 10.20
N PHE A 146 -6.35 0.18 11.51
CA PHE A 146 -5.22 -0.05 12.41
C PHE A 146 -5.77 -0.68 13.69
N VAL A 147 -5.36 -1.92 13.96
CA VAL A 147 -5.69 -2.56 15.21
C VAL A 147 -4.74 -2.05 16.29
N CYS A 148 -5.31 -1.60 17.40
CA CYS A 148 -4.52 -0.92 18.42
C CYS A 148 -4.86 -1.42 19.80
N TRP A 149 -3.86 -1.35 20.68
CA TRP A 149 -4.12 -1.48 22.11
C TRP A 149 -3.02 -0.77 22.88
N HIS A 150 -3.42 -0.12 23.97
CA HIS A 150 -2.55 0.75 24.75
C HIS A 150 -2.15 0.04 26.04
N THR A 151 -0.86 0.08 26.35
CA THR A 151 -0.32 -0.46 27.58
C THR A 151 0.22 0.69 28.44
N HIS A 152 0.82 0.31 29.58
CA HIS A 152 1.32 1.31 30.51
C HIS A 152 2.45 2.12 29.90
N ASN A 153 3.38 1.47 29.20
CA ASN A 153 4.56 2.12 28.66
C ASN A 153 4.56 2.22 27.14
N TYR A 154 4.07 1.21 26.45
CA TYR A 154 4.10 1.18 24.99
C TYR A 154 2.69 1.03 24.45
N ASP A 155 2.49 1.49 23.21
CA ASP A 155 1.19 1.43 22.56
C ASP A 155 1.36 0.78 21.19
N TYR A 156 0.57 -0.26 20.93
CA TYR A 156 0.71 -1.04 19.71
C TYR A 156 -0.34 -0.60 18.71
N CYS A 157 0.11 -0.26 17.50
CA CYS A 157 -0.74 0.28 16.43
C CYS A 157 -0.34 -0.45 15.15
N ILE A 158 -0.95 -1.60 14.90
CA ILE A 158 -0.55 -2.50 13.82
C ILE A 158 -1.53 -2.34 12.66
N PRO A 159 -1.06 -2.15 11.44
CA PRO A 159 -1.97 -1.98 10.30
C PRO A 159 -2.77 -3.23 10.00
N TYR A 160 -3.93 -3.03 9.40
CA TYR A 160 -4.88 -4.08 9.12
C TYR A 160 -5.74 -3.65 7.93
N ASN A 161 -6.18 -4.63 7.14
CA ASN A 161 -6.93 -4.31 5.93
C ASN A 161 -8.35 -3.87 6.25
N SER A 162 -9.13 -4.74 6.88
CA SER A 162 -10.54 -4.47 7.09
C SER A 162 -11.01 -5.14 8.37
N VAL A 163 -12.16 -4.69 8.86
CA VAL A 163 -12.73 -5.25 10.08
C VAL A 163 -13.22 -6.67 9.79
N THR A 164 -12.75 -7.62 10.59
CA THR A 164 -13.13 -9.01 10.46
C THR A 164 -13.76 -9.51 11.75
N ASP A 165 -14.36 -10.69 11.68
CA ASP A 165 -14.98 -11.28 12.87
C ASP A 165 -13.93 -11.59 13.93
N THR A 166 -12.77 -12.11 13.53
CA THR A 166 -11.72 -12.49 14.45
C THR A 166 -10.41 -11.84 14.02
N ILE A 167 -9.52 -11.67 14.98
CA ILE A 167 -8.19 -11.12 14.75
C ILE A 167 -7.19 -12.01 15.48
N VAL A 168 -6.12 -12.41 14.78
CA VAL A 168 -5.12 -13.32 15.33
C VAL A 168 -3.81 -12.57 15.44
N VAL A 169 -3.20 -12.64 16.62
CA VAL A 169 -1.91 -12.02 16.90
C VAL A 169 -0.92 -13.13 17.26
N THR A 170 0.23 -13.13 16.61
CA THR A 170 1.24 -14.15 16.83
C THR A 170 2.42 -13.54 17.57
N GLU A 171 2.68 -14.00 18.78
CA GLU A 171 3.80 -13.55 19.59
C GLU A 171 4.94 -14.54 19.47
N GLY A 172 6.14 -14.04 19.16
CA GLY A 172 7.27 -14.94 19.05
C GLY A 172 8.56 -14.18 18.80
N ASP A 173 9.65 -14.94 18.76
CA ASP A 173 10.97 -14.36 18.48
C ASP A 173 11.72 -15.18 17.44
N GLY A 174 12.99 -14.85 17.22
CA GLY A 174 13.81 -15.57 16.27
C GLY A 174 14.80 -16.50 16.93
N LYS A 181 13.85 -11.79 17.86
CA LYS A 181 13.41 -10.78 18.81
C LYS A 181 11.92 -10.91 19.08
N GLU A 182 11.54 -10.80 20.36
CA GLU A 182 10.15 -10.92 20.74
C GLU A 182 9.32 -9.84 20.08
N ASP A 183 8.22 -10.23 19.45
CA ASP A 183 7.36 -9.28 18.76
C ASP A 183 5.98 -9.90 18.54
N TYR A 184 5.02 -9.00 18.26
CA TYR A 184 3.66 -9.37 17.90
C TYR A 184 3.47 -9.13 16.41
N GLN A 185 2.93 -10.12 15.72
CA GLN A 185 2.79 -10.09 14.27
C GLN A 185 1.34 -10.32 13.89
N ILE A 186 0.82 -9.47 13.01
CA ILE A 186 -0.52 -9.58 12.46
C ILE A 186 -0.42 -9.38 10.96
N GLY A 187 -0.86 -10.37 10.19
CA GLY A 187 -0.86 -10.25 8.75
C GLY A 187 0.47 -9.92 8.14
N GLY A 188 1.56 -10.39 8.75
CA GLY A 188 2.90 -10.08 8.30
C GLY A 188 3.50 -8.85 8.96
N TYR A 189 2.68 -7.87 9.31
CA TYR A 189 3.18 -6.66 9.96
C TYR A 189 3.57 -6.99 11.39
N SER A 190 4.81 -6.68 11.76
CA SER A 190 5.36 -7.03 13.06
C SER A 190 5.70 -5.77 13.84
N GLU A 191 5.51 -5.85 15.15
CA GLU A 191 5.85 -4.77 16.06
C GLU A 191 6.56 -5.36 17.27
N ASP A 192 7.71 -4.79 17.61
CA ASP A 192 8.50 -5.30 18.73
C ASP A 192 7.73 -5.14 20.03
N ARG A 193 7.43 -6.26 20.67
CA ARG A 193 6.64 -6.22 21.90
C ARG A 193 7.49 -5.72 23.06
N HIS A 194 6.87 -4.93 23.93
CA HIS A 194 7.52 -4.44 25.14
C HIS A 194 6.72 -4.77 26.39
N SER A 195 5.54 -5.35 26.25
CA SER A 195 4.69 -5.69 27.39
C SER A 195 3.74 -6.80 26.95
N GLY A 196 2.77 -7.11 27.80
CA GLY A 196 1.78 -8.11 27.48
C GLY A 196 0.71 -7.58 26.55
N VAL A 197 -0.30 -8.42 26.33
CA VAL A 197 -1.44 -8.08 25.47
C VAL A 197 -2.66 -7.84 26.35
N LYS A 198 -3.37 -6.75 26.08
CA LYS A 198 -4.59 -6.46 26.82
C LYS A 198 -5.75 -7.25 26.24
N ASP A 199 -6.64 -7.70 27.13
CA ASP A 199 -7.81 -8.47 26.71
C ASP A 199 -8.83 -7.64 25.92
N TYR A 200 -8.70 -6.32 25.90
CA TYR A 200 -9.50 -5.46 25.04
C TYR A 200 -8.59 -4.83 23.99
N VAL A 201 -8.69 -5.28 22.75
CA VAL A 201 -7.98 -4.70 21.62
C VAL A 201 -9.00 -4.02 20.73
N VAL A 202 -8.60 -2.91 20.10
CA VAL A 202 -9.51 -2.10 19.31
C VAL A 202 -8.89 -1.86 17.94
N VAL A 203 -9.76 -1.66 16.96
CA VAL A 203 -9.38 -1.36 15.58
C VAL A 203 -9.79 0.07 15.29
N HIS A 204 -8.80 0.90 14.96
CA HIS A 204 -9.04 2.27 14.54
C HIS A 204 -9.37 2.30 13.05
N GLY A 205 -9.99 3.39 12.63
CA GLY A 205 -10.29 3.60 11.23
C GLY A 205 -10.48 5.07 10.96
N TYR A 206 -10.76 5.40 9.69
CA TYR A 206 -11.10 6.77 9.35
C TYR A 206 -12.37 7.20 10.07
N PHE A 207 -13.34 6.31 10.17
CA PHE A 207 -14.60 6.64 10.82
C PHE A 207 -15.13 5.52 11.70
N THR A 208 -14.35 4.48 11.93
CA THR A 208 -14.78 3.31 12.69
C THR A 208 -13.89 3.12 13.91
N GLU A 209 -14.50 2.66 15.01
CA GLU A 209 -13.79 2.37 16.25
C GLU A 209 -14.38 1.05 16.76
N VAL A 210 -13.76 -0.06 16.38
CA VAL A 210 -14.36 -1.38 16.58
C VAL A 210 -13.60 -2.11 17.68
N TYR A 211 -14.27 -2.37 18.80
CA TYR A 211 -13.65 -3.08 19.91
C TYR A 211 -13.73 -4.58 19.70
N TYR A 212 -12.73 -5.28 20.22
CA TYR A 212 -12.63 -6.72 20.11
C TYR A 212 -12.41 -7.34 21.48
N GLN A 213 -12.91 -8.56 21.65
CA GLN A 213 -12.84 -9.28 22.92
C GLN A 213 -11.90 -10.46 22.78
N LEU A 214 -10.96 -10.57 23.72
CA LEU A 214 -10.05 -11.72 23.74
C LEU A 214 -10.77 -12.95 24.24
N GLU A 215 -10.87 -13.98 23.39
CA GLU A 215 -11.59 -15.20 23.72
C GLU A 215 -10.67 -16.32 24.19
N SER A 216 -9.71 -16.70 23.34
CA SER A 216 -8.82 -17.81 23.66
C SER A 216 -7.38 -17.45 23.32
N THR A 217 -6.46 -18.01 24.10
CA THR A 217 -5.02 -17.87 23.87
C THR A 217 -4.48 -19.25 23.54
N GLN A 218 -3.97 -19.42 22.32
CA GLN A 218 -3.47 -20.71 21.85
C GLN A 218 -1.99 -20.81 22.18
N ILE A 219 -1.68 -21.51 23.27
CA ILE A 219 -0.30 -21.72 23.70
C ILE A 219 0.31 -22.86 22.89
N THR A 220 1.62 -23.03 23.01
CA THR A 220 2.33 -24.00 22.17
C THR A 220 1.79 -25.42 22.34
N THR A 221 1.37 -25.78 23.56
CA THR A 221 0.86 -27.13 23.78
C THR A 221 -0.40 -27.39 22.96
N ASP A 222 -1.29 -26.40 22.89
CA ASP A 222 -2.52 -26.57 22.13
C ASP A 222 -2.25 -26.67 20.63
N THR A 223 -1.31 -25.86 20.14
CA THR A 223 -1.05 -25.80 18.70
C THR A 223 0.04 -26.76 18.25
N GLY A 224 1.02 -27.05 19.10
CA GLY A 224 2.14 -27.87 18.72
C GLY A 224 3.28 -27.12 18.05
N ILE A 225 3.16 -25.81 17.90
CA ILE A 225 4.22 -24.99 17.31
C ILE A 225 5.01 -24.36 18.45
N GLU A 226 6.28 -24.72 18.55
CA GLU A 226 7.11 -24.22 19.63
C GLU A 226 7.46 -22.75 19.41
N ASN A 227 7.50 -21.99 20.50
CA ASN A 227 7.87 -20.57 20.50
C ASN A 227 6.97 -19.78 19.55
N ALA A 228 5.66 -19.89 19.78
CA ALA A 228 4.67 -19.12 19.03
C ALA A 228 3.36 -19.15 19.81
N THR A 229 2.92 -17.98 20.25
CA THR A 229 1.67 -17.86 21.01
C THR A 229 0.64 -17.15 20.16
N PHE A 230 -0.56 -17.71 20.07
CA PHE A 230 -1.62 -17.17 19.23
C PHE A 230 -2.73 -16.61 20.12
N PHE A 231 -3.00 -15.32 19.96
CA PHE A 231 -4.10 -14.65 20.65
C PHE A 231 -5.22 -14.40 19.65
N ILE A 232 -6.43 -14.80 20.01
CA ILE A 232 -7.58 -14.72 19.13
C ILE A 232 -8.59 -13.77 19.75
N PHE A 233 -9.01 -12.76 18.99
CA PHE A 233 -9.97 -11.77 19.44
C PHE A 233 -11.22 -11.84 18.58
N ASN A 234 -12.38 -11.69 19.21
CA ASN A 234 -13.65 -11.72 18.52
C ASN A 234 -14.28 -10.34 18.59
N LYS A 235 -14.97 -9.96 17.52
CA LYS A 235 -15.56 -8.63 17.42
C LYS A 235 -16.75 -8.50 18.34
N LEU A 236 -16.68 -7.55 19.27
CA LEU A 236 -17.79 -7.33 20.19
C LEU A 236 -18.97 -6.69 19.48
N VAL A 237 -20.17 -7.11 19.85
CA VAL A 237 -21.38 -6.59 19.24
C VAL A 237 -21.81 -5.30 19.94
N SER B 40 9.70 22.26 -34.43
CA SER B 40 9.08 23.21 -33.52
C SER B 40 8.02 22.54 -32.66
N LEU B 41 8.35 22.31 -31.38
CA LEU B 41 7.44 21.68 -30.45
C LEU B 41 6.76 22.74 -29.62
N PRO B 42 5.45 22.93 -29.73
CA PRO B 42 4.78 23.96 -28.95
C PRO B 42 4.82 23.67 -27.45
N PHE B 43 4.84 24.74 -26.67
CA PHE B 43 4.93 24.65 -25.22
C PHE B 43 3.59 24.32 -24.56
N GLY B 44 2.48 24.47 -25.29
CA GLY B 44 1.18 24.20 -24.70
C GLY B 44 0.95 22.75 -24.32
N TRP B 45 1.50 21.83 -25.10
CA TRP B 45 1.32 20.41 -24.81
C TRP B 45 1.95 20.06 -23.46
N LEU B 46 3.06 20.70 -23.11
CA LEU B 46 3.66 20.45 -21.80
C LEU B 46 2.71 20.85 -20.68
N VAL B 47 2.07 22.02 -20.83
CA VAL B 47 1.12 22.46 -19.80
C VAL B 47 -0.06 21.52 -19.72
N ILE B 48 -0.56 21.07 -20.88
CA ILE B 48 -1.70 20.16 -20.88
C ILE B 48 -1.34 18.85 -20.18
N GLY B 49 -0.17 18.31 -20.49
CA GLY B 49 0.28 17.09 -19.83
C GLY B 49 0.46 17.29 -18.34
N VAL B 50 0.98 18.45 -17.93
CA VAL B 50 1.13 18.75 -16.51
C VAL B 50 -0.23 18.74 -15.82
N ALA B 51 -1.21 19.40 -16.43
CA ALA B 51 -2.53 19.44 -15.82
C ALA B 51 -3.14 18.05 -15.70
N PHE B 52 -3.03 17.25 -16.76
CA PHE B 52 -3.62 15.91 -16.70
C PHE B 52 -2.89 15.03 -15.69
N LEU B 53 -1.56 15.13 -15.62
CA LEU B 53 -0.80 14.37 -14.64
C LEU B 53 -1.17 14.78 -13.22
N ALA B 54 -1.40 16.07 -12.99
CA ALA B 54 -1.86 16.52 -11.68
C ALA B 54 -3.22 15.93 -11.37
N VAL B 55 -4.13 15.91 -12.35
CA VAL B 55 -5.43 15.28 -12.14
C VAL B 55 -5.27 13.84 -11.70
N PHE B 56 -4.39 13.10 -12.36
CA PHE B 56 -4.28 11.67 -12.08
C PHE B 56 -3.55 11.36 -10.78
N GLN B 57 -2.48 12.10 -10.44
CA GLN B 57 -1.96 12.05 -9.07
C GLN B 57 -3.05 12.33 -8.04
N SER B 58 -3.84 13.37 -8.24
CA SER B 58 -4.87 13.71 -7.28
C SER B 58 -5.91 12.61 -7.16
N ALA B 59 -6.22 11.93 -8.28
CA ALA B 59 -7.16 10.83 -8.23
C ALA B 59 -6.59 9.63 -7.49
N THR B 60 -5.35 9.24 -7.81
CA THR B 60 -4.77 8.06 -7.17
C THR B 60 -4.46 8.29 -5.70
N LYS B 61 -4.26 9.52 -5.27
CA LYS B 61 -3.88 9.79 -3.89
C LYS B 61 -5.07 9.80 -2.93
N ILE B 62 -6.29 9.58 -3.42
CA ILE B 62 -7.48 9.62 -2.58
C ILE B 62 -8.34 8.38 -2.72
N ILE B 63 -8.01 7.46 -3.63
CA ILE B 63 -8.87 6.31 -3.87
C ILE B 63 -8.79 5.37 -2.68
N ALA B 64 -9.96 5.00 -2.13
CA ALA B 64 -10.03 4.11 -1.00
C ALA B 64 -9.82 2.67 -1.47
N LEU B 65 -8.96 1.94 -0.77
CA LEU B 65 -8.62 0.57 -1.13
C LEU B 65 -9.41 -0.43 -0.28
N ASN B 66 -10.73 -0.40 -0.44
CA ASN B 66 -11.63 -1.27 0.30
C ASN B 66 -12.08 -2.47 -0.51
N LYS B 67 -12.70 -2.23 -1.66
CA LYS B 67 -13.22 -3.30 -2.50
C LYS B 67 -12.23 -3.66 -3.60
N ARG B 68 -12.49 -4.79 -4.26
CA ARG B 68 -11.57 -5.28 -5.28
C ARG B 68 -11.59 -4.39 -6.52
N TRP B 69 -12.76 -3.87 -6.88
CA TRP B 69 -12.85 -3.08 -8.12
C TRP B 69 -12.04 -1.80 -8.01
N GLN B 70 -12.01 -1.19 -6.82
CA GLN B 70 -11.23 0.03 -6.64
C GLN B 70 -9.75 -0.23 -6.88
N LEU B 71 -9.24 -1.35 -6.38
CA LEU B 71 -7.82 -1.66 -6.53
C LEU B 71 -7.40 -1.59 -7.99
N ALA B 72 -8.13 -2.30 -8.86
CA ALA B 72 -7.86 -2.21 -10.29
C ALA B 72 -7.90 -0.76 -10.74
N LEU B 73 -8.97 -0.05 -10.39
CA LEU B 73 -9.03 1.37 -10.66
C LEU B 73 -7.82 2.08 -10.09
N TYR B 74 -7.51 1.81 -8.82
CA TYR B 74 -6.34 2.42 -8.19
C TYR B 74 -5.08 2.07 -8.96
N LYS B 75 -5.00 0.85 -9.48
CA LYS B 75 -3.87 0.50 -10.34
C LYS B 75 -4.03 1.18 -11.70
N GLY B 76 -5.23 1.10 -12.28
CA GLY B 76 -5.41 1.57 -13.65
C GLY B 76 -5.07 3.03 -13.80
N PHE B 77 -5.58 3.87 -12.89
CA PHE B 77 -5.22 5.28 -12.89
C PHE B 77 -3.71 5.45 -12.86
N GLN B 78 -3.04 4.74 -11.94
CA GLN B 78 -1.58 4.79 -11.89
C GLN B 78 -0.98 4.48 -13.24
N PHE B 79 -1.47 3.42 -13.90
CA PHE B 79 -0.98 3.09 -15.23
C PHE B 79 -1.09 4.29 -16.14
N ILE B 80 -2.29 4.90 -16.21
CA ILE B 80 -2.46 6.09 -17.02
C ILE B 80 -1.47 7.16 -16.57
N CYS B 81 -1.39 7.38 -15.27
CA CYS B 81 -0.43 8.34 -14.73
C CYS B 81 0.97 8.05 -15.23
N ASN B 82 1.38 6.78 -15.20
CA ASN B 82 2.72 6.46 -15.64
C ASN B 82 2.94 6.91 -17.08
N LEU B 83 1.98 6.62 -17.95
CA LEU B 83 2.06 7.10 -19.32
C LEU B 83 2.19 8.62 -19.34
N LEU B 84 1.35 9.30 -18.58
CA LEU B 84 1.44 10.75 -18.48
C LEU B 84 2.80 11.15 -17.94
N LEU B 85 3.28 10.45 -16.92
CA LEU B 85 4.60 10.75 -16.37
C LEU B 85 5.67 10.60 -17.45
N LEU B 86 5.50 9.65 -18.36
CA LEU B 86 6.40 9.57 -19.49
C LEU B 86 6.16 10.72 -20.45
N PHE B 87 4.90 10.99 -20.78
CA PHE B 87 4.60 11.98 -21.80
C PHE B 87 5.09 13.37 -21.39
N VAL B 88 4.91 13.73 -20.12
CA VAL B 88 5.38 15.03 -19.66
C VAL B 88 6.89 15.09 -19.58
N THR B 89 7.56 13.93 -19.49
CA THR B 89 9.01 13.93 -19.32
C THR B 89 9.73 14.10 -20.65
N ILE B 90 9.57 13.14 -21.56
CA ILE B 90 10.30 13.18 -22.82
C ILE B 90 9.99 14.46 -23.59
N TYR B 91 8.71 14.86 -23.62
CA TYR B 91 8.36 16.11 -24.27
C TYR B 91 9.17 17.27 -23.67
N SER B 92 9.22 17.34 -22.34
CA SER B 92 10.06 18.36 -21.71
C SER B 92 11.51 18.19 -22.14
N HIS B 93 12.01 16.95 -22.17
CA HIS B 93 13.33 16.70 -22.71
C HIS B 93 13.42 17.17 -24.16
N LEU B 94 12.39 16.87 -24.96
CA LEU B 94 12.37 17.33 -26.35
C LEU B 94 12.39 18.85 -26.42
N LEU B 95 11.93 19.54 -25.38
CA LEU B 95 12.07 21.00 -25.35
C LEU B 95 13.50 21.40 -25.06
N LEU B 96 14.17 20.71 -24.12
CA LEU B 96 15.51 21.10 -23.73
C LEU B 96 16.49 20.98 -24.89
N VAL B 97 16.39 19.92 -25.67
CA VAL B 97 17.21 19.81 -26.87
C VAL B 97 16.79 20.87 -27.89
N ALA B 98 15.50 21.20 -27.93
CA ALA B 98 15.04 22.24 -28.84
C ALA B 98 15.63 23.60 -28.47
N ALA B 99 15.69 23.90 -27.17
CA ALA B 99 16.24 25.16 -26.70
C ALA B 99 17.75 25.09 -26.50
N GLY B 100 18.35 23.92 -26.60
CA GLY B 100 19.78 23.79 -26.43
C GLY B 100 20.21 23.78 -24.97
N MET B 101 19.24 23.78 -24.06
CA MET B 101 19.51 23.72 -22.62
C MET B 101 19.48 22.29 -22.10
N GLU B 102 19.83 21.31 -22.93
CA GLU B 102 19.85 19.91 -22.55
C GLU B 102 21.17 19.47 -21.94
N ALA B 103 22.27 20.15 -22.27
CA ALA B 103 23.58 19.76 -21.77
C ALA B 103 23.69 20.03 -20.28
N GLN B 104 22.82 20.89 -19.76
CA GLN B 104 22.82 21.20 -18.33
C GLN B 104 22.31 20.04 -17.49
N PHE B 105 21.16 19.43 -17.86
CA PHE B 105 20.53 18.43 -17.02
C PHE B 105 20.38 17.09 -17.72
N LEU B 106 21.37 16.67 -18.51
CA LEU B 106 21.30 15.35 -19.13
C LEU B 106 21.39 14.25 -18.08
N TYR B 107 22.19 14.47 -17.03
CA TYR B 107 22.31 13.48 -15.97
C TYR B 107 20.98 13.27 -15.26
N LEU B 108 20.24 14.35 -15.02
CA LEU B 108 18.98 14.24 -14.31
C LEU B 108 17.95 13.45 -15.11
N TYR B 109 17.84 13.73 -16.40
CA TYR B 109 16.92 12.97 -17.25
C TYR B 109 17.39 11.53 -17.41
N ALA B 110 18.71 11.30 -17.45
CA ALA B 110 19.20 9.94 -17.48
C ALA B 110 18.79 9.17 -16.23
N LEU B 111 18.86 9.84 -15.07
CA LEU B 111 18.39 9.21 -13.84
C LEU B 111 16.90 8.92 -13.91
N ILE B 112 16.12 9.85 -14.47
CA ILE B 112 14.69 9.63 -14.61
C ILE B 112 14.41 8.40 -15.45
N TYR B 113 15.11 8.29 -16.59
CA TYR B 113 14.89 7.15 -17.48
C TYR B 113 15.36 5.85 -16.84
N PHE B 114 16.45 5.89 -16.08
CA PHE B 114 16.94 4.70 -15.39
C PHE B 114 15.91 4.22 -14.37
N LEU B 115 15.34 5.16 -13.61
CA LEU B 115 14.33 4.78 -12.62
C LEU B 115 13.05 4.30 -13.29
N GLN B 116 12.68 4.88 -14.43
CA GLN B 116 11.55 4.36 -15.19
C GLN B 116 11.81 2.94 -15.67
N CYS B 117 13.04 2.66 -16.10
CA CYS B 117 13.38 1.29 -16.49
C CYS B 117 13.27 0.33 -15.31
N ILE B 118 13.72 0.78 -14.13
CA ILE B 118 13.59 -0.07 -12.93
C ILE B 118 12.13 -0.32 -12.62
N ASN B 119 11.29 0.71 -12.72
CA ASN B 119 9.87 0.54 -12.44
C ASN B 119 9.22 -0.41 -13.46
N ALA B 120 9.61 -0.29 -14.73
CA ALA B 120 9.08 -1.19 -15.75
C ALA B 120 9.51 -2.62 -15.48
N CYS B 121 10.76 -2.82 -15.06
CA CYS B 121 11.21 -4.17 -14.70
C CYS B 121 10.43 -4.69 -13.51
N ARG B 122 10.11 -3.82 -12.55
CA ARG B 122 9.29 -4.22 -11.42
C ARG B 122 7.91 -4.66 -11.87
N ILE B 123 7.32 -3.94 -12.81
CA ILE B 123 6.00 -4.32 -13.32
C ILE B 123 6.08 -5.64 -14.05
N ILE B 124 7.17 -5.88 -14.79
CA ILE B 124 7.35 -7.16 -15.46
C ILE B 124 7.47 -8.29 -14.45
N MET B 125 8.21 -8.05 -13.36
CA MET B 125 8.29 -9.06 -12.30
C MET B 125 6.92 -9.31 -11.68
N ARG B 126 6.12 -8.27 -11.50
CA ARG B 126 4.77 -8.46 -10.98
C ARG B 126 3.92 -9.30 -11.93
N CYS B 127 4.05 -9.05 -13.23
CA CYS B 127 3.33 -9.86 -14.21
C CYS B 127 3.80 -11.30 -14.19
N TRP B 128 5.10 -11.51 -14.04
CA TRP B 128 5.63 -12.86 -13.91
C TRP B 128 5.08 -13.55 -12.67
N LEU B 129 4.96 -12.81 -11.58
CA LEU B 129 4.41 -13.37 -10.35
C LEU B 129 2.94 -13.75 -10.53
N CYS B 130 2.15 -12.87 -11.13
CA CYS B 130 0.72 -13.16 -11.26
C CYS B 130 0.50 -14.31 -12.25
N TRP B 131 1.34 -14.43 -13.27
CA TRP B 131 1.32 -15.62 -14.10
C TRP B 131 1.70 -16.85 -13.29
N LYS B 132 2.69 -16.70 -12.40
CA LYS B 132 3.14 -17.81 -11.58
C LYS B 132 2.14 -18.15 -10.48
N CYS B 133 1.45 -17.15 -9.92
CA CYS B 133 0.51 -17.41 -8.84
C CYS B 133 -0.88 -17.74 -9.37
N LYS B 134 -1.07 -17.72 -10.69
CA LYS B 134 -2.34 -18.08 -11.32
C LYS B 134 -3.50 -17.17 -10.90
N SER B 135 -3.21 -15.92 -10.56
CA SER B 135 -4.26 -15.00 -10.14
C SER B 135 -3.86 -13.58 -10.48
N LYS B 136 -4.86 -12.70 -10.54
CA LYS B 136 -4.65 -11.29 -10.82
C LYS B 136 -4.34 -10.48 -9.58
N ASN B 137 -4.31 -11.11 -8.40
CA ASN B 137 -4.05 -10.38 -7.17
C ASN B 137 -2.70 -9.67 -7.16
N PRO B 138 -1.58 -10.26 -7.61
CA PRO B 138 -0.31 -9.53 -7.53
C PRO B 138 -0.31 -8.20 -8.27
N LEU B 139 -1.03 -8.10 -9.38
CA LEU B 139 -1.11 -6.81 -10.07
C LEU B 139 -2.00 -5.83 -9.32
N LEU B 140 -2.97 -6.32 -8.54
CA LEU B 140 -3.87 -5.44 -7.84
C LEU B 140 -3.28 -4.96 -6.52
N TYR B 141 -2.93 -5.88 -5.64
CA TYR B 141 -2.42 -5.52 -4.32
C TYR B 141 -0.96 -5.10 -4.40
N ASP B 142 -0.55 -4.27 -3.44
CA ASP B 142 0.79 -3.72 -3.38
C ASP B 142 1.66 -4.36 -2.30
N ALA B 143 1.23 -5.49 -1.74
CA ALA B 143 1.99 -6.09 -0.66
C ALA B 143 3.31 -6.66 -1.15
N ASN B 144 4.25 -6.80 -0.21
CA ASN B 144 5.58 -7.28 -0.56
C ASN B 144 5.54 -8.75 -1.00
N TYR B 145 4.83 -9.59 -0.27
CA TYR B 145 4.78 -11.02 -0.56
C TYR B 145 3.34 -11.46 -0.77
N PHE B 146 3.18 -12.68 -1.25
CA PHE B 146 1.87 -13.25 -1.51
C PHE B 146 1.88 -14.71 -1.07
N VAL B 147 1.07 -15.03 -0.07
CA VAL B 147 0.90 -16.42 0.34
C VAL B 147 -0.09 -17.08 -0.62
N CYS B 148 0.29 -18.23 -1.16
CA CYS B 148 -0.47 -18.85 -2.22
C CYS B 148 -0.65 -20.33 -1.98
N TRP B 149 -1.75 -20.86 -2.48
CA TRP B 149 -1.90 -22.30 -2.62
C TRP B 149 -2.89 -22.61 -3.73
N HIS B 150 -2.59 -23.65 -4.49
CA HIS B 150 -3.33 -24.01 -5.70
C HIS B 150 -4.21 -25.21 -5.42
N THR B 151 -5.47 -25.11 -5.83
CA THR B 151 -6.42 -26.22 -5.73
C THR B 151 -6.80 -26.69 -7.13
N HIS B 152 -7.73 -27.65 -7.17
CA HIS B 152 -8.13 -28.23 -8.46
C HIS B 152 -8.79 -27.20 -9.35
N ASN B 153 -9.67 -26.36 -8.80
CA ASN B 153 -10.44 -25.41 -9.58
C ASN B 153 -10.06 -23.97 -9.33
N TYR B 154 -9.73 -23.60 -8.10
CA TYR B 154 -9.42 -22.23 -7.75
C TYR B 154 -8.02 -22.15 -7.15
N ASP B 155 -7.42 -20.96 -7.24
CA ASP B 155 -6.07 -20.74 -6.73
C ASP B 155 -6.09 -19.50 -5.86
N TYR B 156 -5.61 -19.64 -4.63
CA TYR B 156 -5.66 -18.57 -3.64
C TYR B 156 -4.32 -17.86 -3.59
N CYS B 157 -4.35 -16.53 -3.74
CA CYS B 157 -3.16 -15.69 -3.81
C CYS B 157 -3.44 -14.46 -2.91
N ILE B 158 -3.15 -14.59 -1.63
CA ILE B 158 -3.52 -13.59 -0.63
C ILE B 158 -2.29 -12.76 -0.28
N PRO B 159 -2.39 -11.44 -0.31
CA PRO B 159 -1.21 -10.61 0.00
C PRO B 159 -0.77 -10.75 1.45
N TYR B 160 0.52 -10.48 1.67
CA TYR B 160 1.15 -10.65 2.97
C TYR B 160 2.36 -9.72 3.02
N ASN B 161 2.66 -9.24 4.23
CA ASN B 161 3.74 -8.27 4.39
C ASN B 161 5.11 -8.92 4.24
N SER B 162 5.44 -9.88 5.10
CA SER B 162 6.77 -10.44 5.13
C SER B 162 6.70 -11.90 5.58
N VAL B 163 7.78 -12.63 5.33
CA VAL B 163 7.85 -14.03 5.72
C VAL B 163 7.96 -14.12 7.23
N THR B 164 7.06 -14.88 7.84
CA THR B 164 7.05 -15.08 9.28
C THR B 164 7.17 -16.56 9.61
N ASP B 165 7.39 -16.84 10.88
CA ASP B 165 7.51 -18.23 11.31
C ASP B 165 6.20 -18.98 11.12
N THR B 166 5.08 -18.34 11.43
CA THR B 166 3.76 -18.97 11.32
C THR B 166 2.84 -18.07 10.50
N ILE B 167 1.84 -18.71 9.90
CA ILE B 167 0.82 -18.01 9.12
C ILE B 167 -0.54 -18.54 9.55
N VAL B 168 -1.47 -17.63 9.84
CA VAL B 168 -2.80 -18.00 10.34
C VAL B 168 -3.83 -17.60 9.29
N VAL B 169 -4.70 -18.56 8.94
CA VAL B 169 -5.77 -18.35 7.99
C VAL B 169 -7.09 -18.57 8.71
N THR B 170 -8.01 -17.62 8.60
CA THR B 170 -9.30 -17.69 9.26
C THR B 170 -10.38 -17.95 8.23
N GLU B 171 -11.04 -19.09 8.33
CA GLU B 171 -12.14 -19.46 7.45
C GLU B 171 -13.46 -19.16 8.15
N GLY B 172 -14.35 -18.45 7.46
CA GLY B 172 -15.64 -18.15 8.06
C GLY B 172 -16.55 -17.42 7.10
N ASP B 173 -17.78 -17.18 7.56
CA ASP B 173 -18.75 -16.45 6.76
C ASP B 173 -19.44 -15.37 7.59
N GLY B 174 -20.47 -14.75 7.02
CA GLY B 174 -21.22 -13.72 7.72
C GLY B 174 -22.56 -14.20 8.22
N LYS B 181 -20.53 -14.62 3.79
CA LYS B 181 -20.05 -15.50 2.72
C LYS B 181 -18.77 -16.21 3.15
N GLU B 182 -18.71 -17.51 2.84
CA GLU B 182 -17.54 -18.29 3.21
C GLU B 182 -16.29 -17.75 2.52
N ASP B 183 -15.23 -17.53 3.30
CA ASP B 183 -14.00 -16.99 2.77
C ASP B 183 -12.85 -17.28 3.72
N TYR B 184 -11.64 -17.15 3.18
CA TYR B 184 -10.39 -17.27 3.93
C TYR B 184 -9.79 -15.87 4.08
N GLN B 185 -9.41 -15.53 5.31
CA GLN B 185 -8.93 -14.20 5.64
C GLN B 185 -7.56 -14.30 6.29
N ILE B 186 -6.63 -13.50 5.80
CA ILE B 186 -5.29 -13.38 6.36
C ILE B 186 -4.96 -11.90 6.48
N GLY B 187 -4.66 -11.46 7.70
CA GLY B 187 -4.28 -10.07 7.91
C GLY B 187 -5.28 -9.06 7.41
N GLY B 188 -6.56 -9.39 7.46
CA GLY B 188 -7.60 -8.54 6.94
C GLY B 188 -7.95 -8.79 5.50
N TYR B 189 -6.99 -9.21 4.69
CA TYR B 189 -7.27 -9.49 3.28
C TYR B 189 -8.06 -10.79 3.16
N SER B 190 -9.21 -10.72 2.50
CA SER B 190 -10.12 -11.84 2.41
C SER B 190 -10.26 -12.29 0.96
N GLU B 191 -10.42 -13.60 0.78
CA GLU B 191 -10.64 -14.19 -0.53
C GLU B 191 -11.76 -15.21 -0.42
N ASP B 192 -12.75 -15.11 -1.30
CA ASP B 192 -13.89 -16.01 -1.26
C ASP B 192 -13.44 -17.45 -1.52
N ARG B 193 -13.64 -18.31 -0.53
CA ARG B 193 -13.19 -19.70 -0.67
C ARG B 193 -14.11 -20.47 -1.61
N HIS B 194 -13.51 -21.35 -2.40
CA HIS B 194 -14.26 -22.23 -3.29
C HIS B 194 -13.92 -23.70 -3.07
N SER B 195 -12.96 -24.00 -2.22
CA SER B 195 -12.54 -25.37 -1.94
C SER B 195 -11.89 -25.40 -0.57
N GLY B 196 -11.27 -26.52 -0.24
CA GLY B 196 -10.58 -26.67 1.02
C GLY B 196 -9.20 -26.03 0.99
N VAL B 197 -8.46 -26.24 2.06
CA VAL B 197 -7.11 -25.71 2.21
C VAL B 197 -6.13 -26.86 2.08
N LYS B 198 -5.08 -26.64 1.29
CA LYS B 198 -4.04 -27.65 1.13
C LYS B 198 -3.04 -27.56 2.28
N ASP B 199 -2.56 -28.72 2.72
CA ASP B 199 -1.61 -28.79 3.82
C ASP B 199 -0.24 -28.22 3.46
N TYR B 200 0.04 -27.96 2.19
CA TYR B 200 1.24 -27.24 1.76
C TYR B 200 0.81 -25.90 1.18
N VAL B 201 1.08 -24.82 1.92
CA VAL B 201 0.86 -23.46 1.45
C VAL B 201 2.22 -22.81 1.25
N VAL B 202 2.31 -21.93 0.26
CA VAL B 202 3.58 -21.33 -0.12
C VAL B 202 3.41 -19.82 -0.18
N VAL B 203 4.51 -19.11 0.06
CA VAL B 203 4.57 -17.66 0.00
C VAL B 203 5.44 -17.29 -1.20
N HIS B 204 4.85 -16.56 -2.14
CA HIS B 204 5.57 -16.02 -3.27
C HIS B 204 6.24 -14.70 -2.89
N GLY B 205 7.23 -14.31 -3.68
CA GLY B 205 7.89 -13.05 -3.48
C GLY B 205 8.58 -12.63 -4.76
N TYR B 206 9.22 -11.46 -4.72
CA TYR B 206 10.02 -11.03 -5.86
C TYR B 206 11.16 -12.01 -6.13
N PHE B 207 11.77 -12.53 -5.07
CA PHE B 207 12.88 -13.46 -5.24
C PHE B 207 12.84 -14.61 -4.25
N THR B 208 11.74 -14.77 -3.50
CA THR B 208 11.63 -15.79 -2.47
C THR B 208 10.46 -16.71 -2.78
N GLU B 209 10.62 -17.99 -2.44
CA GLU B 209 9.59 -19.00 -2.62
C GLU B 209 9.62 -19.86 -1.35
N VAL B 210 8.82 -19.48 -0.35
CA VAL B 210 8.93 -20.05 0.98
C VAL B 210 7.76 -20.98 1.24
N TYR B 211 8.04 -22.27 1.39
CA TYR B 211 7.00 -23.25 1.66
C TYR B 211 6.67 -23.30 3.15
N TYR B 212 5.42 -23.61 3.45
CA TYR B 212 4.94 -23.70 4.82
C TYR B 212 4.24 -25.03 5.04
N GLN B 213 4.30 -25.52 6.27
CA GLN B 213 3.72 -26.80 6.65
C GLN B 213 2.53 -26.58 7.56
N LEU B 214 1.41 -27.21 7.24
CA LEU B 214 0.23 -27.13 8.09
C LEU B 214 0.42 -28.01 9.32
N GLU B 215 0.41 -27.39 10.51
CA GLU B 215 0.64 -28.10 11.75
C GLU B 215 -0.65 -28.43 12.49
N SER B 216 -1.45 -27.42 12.80
CA SER B 216 -2.67 -27.63 13.57
C SER B 216 -3.82 -26.84 12.96
N THR B 217 -5.02 -27.39 13.09
CA THR B 217 -6.25 -26.73 12.68
C THR B 217 -7.07 -26.47 13.93
N GLN B 218 -7.31 -25.20 14.24
CA GLN B 218 -8.03 -24.81 15.44
C GLN B 218 -9.52 -24.70 15.12
N ILE B 219 -10.26 -25.75 15.45
CA ILE B 219 -11.71 -25.78 15.23
C ILE B 219 -12.40 -25.01 16.34
N THR B 220 -13.71 -24.77 16.16
CA THR B 220 -14.45 -23.92 17.09
C THR B 220 -14.41 -24.45 18.52
N THR B 221 -14.40 -25.78 18.69
CA THR B 221 -14.38 -26.34 20.03
C THR B 221 -13.10 -25.98 20.76
N ASP B 222 -11.96 -26.02 20.06
CA ASP B 222 -10.69 -25.69 20.69
C ASP B 222 -10.62 -24.21 21.05
N THR B 223 -11.14 -23.34 20.18
CA THR B 223 -11.01 -21.91 20.37
C THR B 223 -12.20 -21.31 21.13
N GLY B 224 -13.39 -21.87 20.98
CA GLY B 224 -14.58 -21.30 21.57
C GLY B 224 -15.24 -20.23 20.75
N ILE B 225 -14.72 -19.92 19.57
CA ILE B 225 -15.32 -18.93 18.68
C ILE B 225 -16.14 -19.68 17.64
N GLU B 226 -17.45 -19.46 17.65
CA GLU B 226 -18.33 -20.16 16.73
C GLU B 226 -18.18 -19.62 15.31
N ASN B 227 -18.25 -20.53 14.34
CA ASN B 227 -18.18 -20.20 12.92
C ASN B 227 -16.88 -19.45 12.59
N ALA B 228 -15.76 -20.06 12.96
CA ALA B 228 -14.44 -19.52 12.64
C ALA B 228 -13.43 -20.64 12.79
N THR B 229 -12.78 -21.02 11.70
CA THR B 229 -11.78 -22.08 11.72
C THR B 229 -10.40 -21.47 11.48
N PHE B 230 -9.43 -21.82 12.32
CA PHE B 230 -8.09 -21.25 12.25
C PHE B 230 -7.11 -22.33 11.79
N PHE B 231 -6.45 -22.06 10.66
CA PHE B 231 -5.40 -22.92 10.15
C PHE B 231 -4.06 -22.27 10.40
N ILE B 232 -3.13 -23.03 10.99
CA ILE B 232 -1.83 -22.52 11.38
C ILE B 232 -0.77 -23.26 10.59
N PHE B 233 0.09 -22.51 9.90
CA PHE B 233 1.17 -23.06 9.10
C PHE B 233 2.50 -22.62 9.66
N ASN B 234 3.47 -23.53 9.64
CA ASN B 234 4.81 -23.25 10.14
C ASN B 234 5.77 -23.29 8.96
N LYS B 235 6.79 -22.42 9.02
CA LYS B 235 7.73 -22.30 7.92
C LYS B 235 8.67 -23.50 7.88
N LEU B 236 8.65 -24.21 6.75
CA LEU B 236 9.52 -25.38 6.59
C LEU B 236 10.96 -24.95 6.44
N VAL B 237 11.87 -25.71 7.04
CA VAL B 237 13.29 -25.41 6.97
C VAL B 237 13.89 -26.00 5.71
N PHE C 25 14.69 -17.71 -18.10
CA PHE C 25 14.12 -16.55 -17.44
C PHE C 25 14.49 -16.52 -15.96
N SER C 26 14.73 -17.70 -15.39
CA SER C 26 15.08 -17.79 -13.97
C SER C 26 16.51 -17.35 -13.70
N LYS C 27 17.39 -17.38 -14.71
CA LYS C 27 18.77 -16.96 -14.52
C LYS C 27 18.85 -15.49 -14.14
N LEU C 28 18.05 -14.64 -14.80
CA LEU C 28 18.02 -13.23 -14.45
C LEU C 28 17.51 -13.03 -13.03
N ARG C 29 16.49 -13.79 -12.63
CA ARG C 29 15.99 -13.70 -11.26
C ARG C 29 17.07 -14.09 -10.26
N GLU C 30 17.80 -15.17 -10.52
CA GLU C 30 18.86 -15.59 -9.61
C GLU C 30 19.96 -14.54 -9.53
N GLN C 31 20.33 -13.95 -10.66
CA GLN C 31 21.37 -12.93 -10.67
C GLN C 31 20.92 -11.67 -9.92
N LEU C 32 19.67 -11.28 -10.08
CA LEU C 32 19.16 -10.04 -9.52
C LEU C 32 18.68 -10.18 -8.08
N GLY C 33 18.56 -11.40 -7.56
CA GLY C 33 18.09 -11.64 -6.23
C GLY C 33 18.74 -10.82 -5.13
N PRO C 34 20.02 -11.07 -4.85
CA PRO C 34 20.66 -10.44 -3.68
C PRO C 34 21.27 -9.07 -3.94
N VAL C 35 21.35 -8.61 -5.20
CA VAL C 35 21.98 -7.33 -5.46
C VAL C 35 21.14 -6.18 -4.92
N THR C 36 19.81 -6.29 -5.01
CA THR C 36 18.95 -5.25 -4.46
C THR C 36 19.08 -5.17 -2.94
N GLN C 37 19.12 -6.34 -2.27
CA GLN C 37 19.30 -6.34 -0.83
C GLN C 37 20.66 -5.79 -0.43
N GLU C 38 21.69 -6.10 -1.20
CA GLU C 38 23.03 -5.56 -0.93
C GLU C 38 23.03 -4.05 -1.08
N PHE C 39 22.36 -3.53 -2.11
CA PHE C 39 22.25 -2.08 -2.29
C PHE C 39 21.49 -1.44 -1.12
N TRP C 40 20.41 -2.09 -0.66
CA TRP C 40 19.66 -1.55 0.47
C TRP C 40 20.52 -1.55 1.74
N ASP C 41 21.35 -2.58 1.92
CA ASP C 41 22.25 -2.61 3.06
C ASP C 41 23.32 -1.52 2.95
N ASN C 42 23.79 -1.26 1.73
CA ASN C 42 24.72 -0.15 1.53
C ASN C 42 24.06 1.18 1.91
N LEU C 43 22.80 1.35 1.53
CA LEU C 43 22.07 2.55 1.94
C LEU C 43 21.95 2.63 3.46
N GLU C 44 21.63 1.50 4.09
CA GLU C 44 21.63 1.42 5.56
C GLU C 44 22.94 1.93 6.15
N LYS C 45 24.06 1.44 5.62
CA LYS C 45 25.35 1.86 6.15
C LYS C 45 25.60 3.34 5.90
N GLU C 46 25.20 3.86 4.73
CA GLU C 46 25.50 5.23 4.38
C GLU C 46 24.69 6.22 5.21
N THR C 47 23.37 6.01 5.30
CA THR C 47 22.50 7.01 5.91
C THR C 47 22.08 6.66 7.33
N GLU C 48 22.74 5.69 7.98
CA GLU C 48 22.40 5.36 9.35
C GLU C 48 22.66 6.55 10.29
N GLY C 49 23.79 7.23 10.10
CA GLY C 49 24.13 8.37 10.92
C GLY C 49 23.46 9.67 10.54
N LEU C 50 22.64 9.66 9.49
CA LEU C 50 21.97 10.87 9.03
C LEU C 50 20.61 11.06 9.70
N ARG C 51 19.80 10.01 9.79
CA ARG C 51 18.46 10.15 10.35
C ARG C 51 18.50 10.44 11.84
N PHE D 25 -14.44 18.67 17.32
CA PHE D 25 -13.73 18.06 16.21
C PHE D 25 -14.42 16.78 15.75
N SER D 26 -15.12 16.12 16.68
CA SER D 26 -15.82 14.87 16.35
C SER D 26 -17.08 15.11 15.54
N LYS D 27 -17.65 16.31 15.60
CA LYS D 27 -18.86 16.60 14.82
C LYS D 27 -18.59 16.48 13.33
N LEU D 28 -17.46 17.00 12.87
CA LEU D 28 -17.10 16.87 11.46
C LEU D 28 -16.91 15.41 11.07
N ARG D 29 -16.29 14.63 11.94
CA ARG D 29 -16.12 13.21 11.67
C ARG D 29 -17.47 12.51 11.54
N GLU D 30 -18.40 12.81 12.46
CA GLU D 30 -19.71 12.19 12.39
C GLU D 30 -20.45 12.60 11.12
N GLN D 31 -20.35 13.87 10.74
CA GLN D 31 -21.02 14.33 9.52
C GLN D 31 -20.42 13.69 8.28
N LEU D 32 -19.09 13.53 8.24
CA LEU D 32 -18.40 13.04 7.05
C LEU D 32 -18.33 11.52 6.98
N GLY D 33 -18.72 10.82 8.05
CA GLY D 33 -18.67 9.38 8.08
C GLY D 33 -19.29 8.65 6.91
N PRO D 34 -20.62 8.72 6.77
CA PRO D 34 -21.30 7.91 5.76
C PRO D 34 -21.40 8.54 4.38
N VAL D 35 -21.05 9.81 4.21
CA VAL D 35 -21.19 10.44 2.91
C VAL D 35 -20.21 9.86 1.90
N THR D 36 -18.99 9.55 2.35
CA THR D 36 -18.01 8.93 1.44
C THR D 36 -18.48 7.55 1.00
N GLN D 37 -19.02 6.75 1.93
CA GLN D 37 -19.53 5.44 1.58
C GLN D 37 -20.72 5.55 0.63
N GLU D 38 -21.59 6.53 0.86
CA GLU D 38 -22.72 6.73 -0.03
C GLU D 38 -22.25 7.12 -1.43
N PHE D 39 -21.23 7.97 -1.52
CA PHE D 39 -20.66 8.32 -2.83
C PHE D 39 -20.06 7.10 -3.51
N TRP D 40 -19.36 6.25 -2.75
CA TRP D 40 -18.79 5.05 -3.34
C TRP D 40 -19.87 4.10 -3.83
N ASP D 41 -20.99 4.01 -3.10
CA ASP D 41 -22.11 3.19 -3.54
C ASP D 41 -22.75 3.77 -4.80
N ASN D 42 -22.82 5.10 -4.89
CA ASN D 42 -23.30 5.73 -6.12
C ASN D 42 -22.41 5.39 -7.29
N LEU D 43 -21.09 5.40 -7.07
CA LEU D 43 -20.17 4.98 -8.12
C LEU D 43 -20.39 3.53 -8.50
N GLU D 44 -20.58 2.66 -7.51
CA GLU D 44 -20.94 1.27 -7.76
C GLU D 44 -22.15 1.17 -8.69
N LYS D 45 -23.21 1.92 -8.38
CA LYS D 45 -24.41 1.86 -9.20
C LYS D 45 -24.15 2.39 -10.61
N GLU D 46 -23.36 3.47 -10.72
CA GLU D 46 -23.14 4.09 -12.02
C GLU D 46 -22.30 3.22 -12.95
N THR D 47 -21.17 2.72 -12.47
CA THR D 47 -20.20 2.04 -13.33
C THR D 47 -20.26 0.52 -13.22
N GLU D 48 -21.31 -0.04 -12.60
CA GLU D 48 -21.42 -1.49 -12.53
C GLU D 48 -21.53 -2.11 -13.92
N GLY D 49 -22.34 -1.51 -14.80
CA GLY D 49 -22.52 -2.01 -16.14
C GLY D 49 -21.44 -1.65 -17.12
N LEU D 50 -20.43 -0.89 -16.68
CA LEU D 50 -19.34 -0.47 -17.56
C LEU D 50 -18.18 -1.47 -17.56
N ARG D 51 -17.77 -1.94 -16.39
CA ARG D 51 -16.62 -2.84 -16.33
C ARG D 51 -16.92 -4.20 -16.96
#